data_9K6R
#
_entry.id   9K6R
#
loop_
_entity.id
_entity.type
_entity.pdbx_description
1 polymer 'Protein argonaute-2'
2 polymer "RNA (5'-R(P*UP*AP*CP*AP*AP*GP*AP*GP*CP*CP*UP*UP*UP*CP*U)-3')"
3 polymer "RNA (5'-R(P*GP*AP*AP*AP*GP*GP*CP*UP*CP*UP*UP*GP*UP*U)-3')"
4 non-polymer 'MAGNESIUM ION'
#
loop_
_entity_poly.entity_id
_entity_poly.type
_entity_poly.pdbx_seq_one_letter_code
_entity_poly.pdbx_strand_id
1 'polypeptide(L)'
;GYAFKPPPRPDFGTSGRTIKLQANFFEMDIPKIDIYHYELDIKPEKCPRRVNREIVEHMVQHFKTQIFGDRKPVFDGRKN
LYTAMPLPIGRDKVELEVTLPGEGKDRIFKVSIKWVSCVSLQALHDALSGRLPSVPFETIQALDVVMRHLPSMRYTPVGR
SFFTASEGCSNPLGGGREVWFGFHQSVRPSLWKMMLNIDVSATAFYKAQPVIEFVCEVLDFKSIEEQQKPLTDSQRVKFT
KEIKGLKVEITHCGQMKRKYRVCNVTRRPASHQTFPLQQESGQTVECTVAQYFKDRHKLVLRYPHLPCLQVGQEQKHTYL
PLEVCNIVAGQRCIKKLTDNQTSTMIRATARSAPDRQEEISKLMRSASFNTDPYVREFGIMVKDEMTDVTGRVLQPPSIL
YGGRNKAIATPVQGVWDMRNKQFHTGIEIKVWAIACFAPQRQCTEVHLKSFTEQLRKISRDAGMPIQGQPCFCKYAQGAD
SVEPMFRHLKNTYAGLQLVVVILPGKTPVYAEVKRVGDTVLGMATQCVQMKNVQRTTPQTLSNLCLKINVKLGGVNNILL
PQGRPPVFQQPVIFLGADVTHPPAGDGKKPSIAAVVGSMDAHPNRYCATVRVQQHRQEIIQDLAAMVRELLIQFYKSTRF
KPTRIIFYRAGVSEGQFQQVLHHELLAIREACIKLEKDYQPGITFIVVQKRHHTRLFCTDKNERVGKSGNIPAGTTVDTK
ITHPTEFDFYLCSHAGIQGTSRPSHYHVLWDDNRFSSDELQILTYQLCHTYVRCTRSVSIPAPAYYAHLVAFRARYHLVD
KEHDSAEGSHTSGQSNGRDHQALAKAVQVHQDTLRTMYFA
;
A
2 'polyribonucleotide' UACAAGAGCCUUUCU B
3 'polyribonucleotide' GAAAGGCUCUUGUU C
#
loop_
_chem_comp.id
_chem_comp.type
_chem_comp.name
_chem_comp.formula
A RNA linking ADENOSINE-5'-MONOPHOSPHATE 'C10 H14 N5 O7 P'
C RNA linking CYTIDINE-5'-MONOPHOSPHATE 'C9 H14 N3 O8 P'
G RNA linking GUANOSINE-5'-MONOPHOSPHATE 'C10 H14 N5 O8 P'
MG non-polymer 'MAGNESIUM ION' 'Mg 2'
U RNA linking URIDINE-5'-MONOPHOSPHATE 'C9 H13 N2 O9 P'
#
# COMPACT_ATOMS: atom_id res chain seq x y z
N GLY A 1 -30.94 -7.77 15.25
CA GLY A 1 -29.77 -7.20 15.89
C GLY A 1 -28.48 -7.88 15.51
N TYR A 2 -27.38 -7.46 16.13
CA TYR A 2 -26.06 -8.01 15.86
C TYR A 2 -25.44 -8.54 17.15
N ALA A 3 -24.80 -9.69 17.06
CA ALA A 3 -24.21 -10.34 18.22
C ALA A 3 -22.82 -9.84 18.57
N PHE A 4 -22.25 -8.94 17.76
CA PHE A 4 -20.91 -8.43 17.98
C PHE A 4 -20.97 -6.96 18.34
N LYS A 5 -20.21 -6.58 19.36
CA LYS A 5 -20.10 -5.21 19.83
C LYS A 5 -18.63 -4.83 19.97
N PRO A 6 -18.27 -3.57 19.75
CA PRO A 6 -16.86 -3.18 19.85
C PRO A 6 -16.38 -3.19 21.29
N PRO A 7 -15.17 -3.68 21.53
CA PRO A 7 -14.64 -3.68 22.89
C PRO A 7 -14.42 -2.27 23.37
N PRO A 8 -14.52 -2.03 24.68
CA PRO A 8 -14.27 -0.69 25.23
C PRO A 8 -12.77 -0.42 25.28
N ARG A 9 -12.43 0.75 25.82
CA ARG A 9 -11.03 1.13 25.93
C ARG A 9 -10.34 0.28 26.99
N PRO A 10 -9.28 -0.45 26.65
CA PRO A 10 -8.58 -1.24 27.69
C PRO A 10 -7.88 -0.38 28.72
N ASP A 11 -7.27 0.71 28.28
CA ASP A 11 -6.60 1.68 29.16
C ASP A 11 -6.37 2.94 28.34
N PHE A 12 -5.72 3.91 28.96
CA PHE A 12 -5.34 5.15 28.28
C PHE A 12 -3.87 5.11 27.92
N GLY A 13 -3.51 5.91 26.91
CA GLY A 13 -2.14 5.96 26.46
C GLY A 13 -1.24 6.73 27.41
N THR A 14 -0.02 6.23 27.60
CA THR A 14 0.93 6.87 28.50
C THR A 14 2.29 7.05 27.83
N SER A 15 2.61 6.20 26.86
CA SER A 15 3.89 6.29 26.19
C SER A 15 3.93 7.46 25.23
N GLY A 16 5.14 7.93 24.95
CA GLY A 16 5.36 9.08 24.10
C GLY A 16 5.70 10.33 24.88
N ARG A 17 5.93 11.41 24.14
CA ARG A 17 6.27 12.70 24.72
C ARG A 17 5.03 13.58 24.72
N THR A 18 4.68 14.10 25.89
CA THR A 18 3.43 14.85 26.05
C THR A 18 3.48 16.16 25.26
N ILE A 19 2.39 16.48 24.57
CA ILE A 19 2.31 17.71 23.79
C ILE A 19 0.90 18.28 23.84
N LYS A 20 0.79 19.54 24.24
CA LYS A 20 -0.50 20.22 24.23
C LYS A 20 -0.91 20.52 22.80
N LEU A 21 -2.21 20.36 22.51
CA LEU A 21 -2.76 20.65 21.19
C LEU A 21 -4.10 21.35 21.34
N GLN A 22 -4.54 21.93 20.22
CA GLN A 22 -5.87 22.51 20.10
C GLN A 22 -6.60 21.81 18.96
N ALA A 23 -7.88 21.54 19.18
CA ALA A 23 -8.74 20.89 18.19
C ALA A 23 -10.02 21.69 18.04
N ASN A 24 -10.59 21.63 16.83
CA ASN A 24 -11.79 22.41 16.49
C ASN A 24 -13.03 21.64 16.95
N PHE A 25 -13.17 21.54 18.26
CA PHE A 25 -14.32 20.89 18.87
C PHE A 25 -14.98 21.79 19.90
N MET A 386 -11.74 26.76 21.33
CA MET A 386 -11.24 25.50 20.81
C MET A 386 -10.91 24.54 21.95
N THR A 387 -11.06 23.24 21.69
CA THR A 387 -10.85 22.24 22.72
C THR A 387 -9.36 21.99 22.91
N ASP A 388 -8.88 22.17 24.13
CA ASP A 388 -7.46 21.98 24.44
C ASP A 388 -7.24 20.51 24.79
N VAL A 389 -6.62 19.76 23.88
CA VAL A 389 -6.41 18.34 24.04
C VAL A 389 -4.93 18.09 24.34
N THR A 390 -4.63 16.85 24.72
CA THR A 390 -3.27 16.45 25.06
C THR A 390 -2.91 15.22 24.22
N GLY A 391 -1.95 15.39 23.31
CA GLY A 391 -1.45 14.27 22.54
C GLY A 391 -0.11 13.78 23.05
N ARG A 392 0.36 12.70 22.45
CA ARG A 392 1.67 12.15 22.78
C ARG A 392 2.39 11.84 21.48
N VAL A 393 3.52 12.51 21.26
CA VAL A 393 4.38 12.17 20.12
C VAL A 393 5.06 10.84 20.43
N LEU A 394 4.63 9.79 19.74
CA LEU A 394 5.33 8.52 19.84
C LEU A 394 6.69 8.64 19.18
N GLN A 395 7.70 8.01 19.79
CA GLN A 395 9.02 8.02 19.19
C GLN A 395 9.01 7.17 17.91
N PRO A 396 9.64 7.65 16.84
CA PRO A 396 9.63 6.88 15.59
C PRO A 396 10.43 5.59 15.74
N PRO A 397 9.99 4.51 15.11
CA PRO A 397 10.79 3.29 15.10
C PRO A 397 12.07 3.48 14.28
N SER A 398 13.13 2.85 14.74
CA SER A 398 14.39 2.86 14.00
C SER A 398 14.25 1.96 12.78
N ILE A 399 14.66 2.46 11.62
CA ILE A 399 14.51 1.74 10.36
C ILE A 399 15.82 1.04 10.05
N LEU A 400 15.79 -0.29 10.03
CA LEU A 400 17.00 -1.07 9.82
C LEU A 400 17.21 -1.31 8.33
N TYR A 401 18.42 -1.02 7.86
CA TYR A 401 18.79 -1.19 6.46
C TYR A 401 19.84 -2.30 6.35
N GLY A 402 20.34 -2.48 5.13
CA GLY A 402 21.31 -3.52 4.87
C GLY A 402 22.63 -3.00 4.36
N GLY A 403 23.25 -3.74 3.45
CA GLY A 403 24.56 -3.37 2.95
C GLY A 403 25.65 -3.77 3.91
N ARG A 404 26.85 -3.25 3.62
CA ARG A 404 28.00 -3.54 4.46
C ARG A 404 27.85 -2.90 5.84
N ASN A 405 27.41 -1.64 5.89
CA ASN A 405 27.31 -0.91 7.15
C ASN A 405 26.10 -1.30 7.99
N LYS A 406 25.01 -1.75 7.35
CA LYS A 406 23.72 -2.01 8.02
C LYS A 406 23.28 -0.78 8.81
N ALA A 407 23.07 0.31 8.09
CA ALA A 407 22.73 1.58 8.70
C ALA A 407 21.36 1.51 9.36
N ILE A 408 21.21 2.24 10.46
CA ILE A 408 19.98 2.29 11.23
C ILE A 408 19.47 3.72 11.15
N ALA A 409 18.56 3.98 10.23
CA ALA A 409 18.01 5.31 10.06
C ALA A 409 17.08 5.67 11.21
N THR A 410 17.24 6.90 11.71
CA THR A 410 16.32 7.44 12.70
C THR A 410 15.43 8.46 12.00
N PRO A 411 14.13 8.20 11.84
CA PRO A 411 13.26 9.15 11.16
C PRO A 411 13.18 10.48 11.91
N VAL A 412 13.78 11.50 11.34
CA VAL A 412 13.83 12.81 11.97
C VAL A 412 12.67 13.63 11.44
N GLN A 413 11.76 13.99 12.35
CA GLN A 413 10.60 14.82 12.05
C GLN A 413 9.74 14.16 10.97
N GLY A 414 9.65 12.83 11.03
CA GLY A 414 8.86 12.05 10.12
C GLY A 414 9.54 11.64 8.83
N VAL A 415 10.76 12.12 8.57
CA VAL A 415 11.43 11.91 7.29
C VAL A 415 12.80 11.31 7.53
N TRP A 416 13.18 10.39 6.65
CA TRP A 416 14.57 9.96 6.56
C TRP A 416 14.91 9.79 5.08
N ASP A 417 16.20 9.72 4.78
CA ASP A 417 16.65 9.67 3.39
C ASP A 417 17.45 8.40 3.14
N MET A 418 17.76 8.17 1.86
CA MET A 418 18.51 6.99 1.43
C MET A 418 19.97 7.29 1.17
N ARG A 419 20.46 8.46 1.59
CA ARG A 419 21.87 8.78 1.43
C ARG A 419 22.72 7.90 2.35
N ASN A 420 23.78 7.33 1.79
CA ASN A 420 24.71 6.42 2.44
C ASN A 420 24.05 5.14 2.94
N LYS A 421 22.83 4.83 2.48
CA LYS A 421 22.09 3.67 2.92
C LYS A 421 21.89 2.70 1.77
N GLN A 422 22.00 1.42 2.06
CA GLN A 422 21.73 0.36 1.10
C GLN A 422 20.49 -0.41 1.53
N PHE A 423 19.90 -1.13 0.58
CA PHE A 423 18.67 -1.86 0.85
C PHE A 423 18.91 -3.00 1.82
N HIS A 424 17.89 -3.33 2.61
CA HIS A 424 17.95 -4.46 3.51
C HIS A 424 18.22 -5.75 2.74
N THR A 425 17.51 -5.93 1.62
CA THR A 425 17.86 -6.92 0.61
C THR A 425 17.70 -6.26 -0.75
N GLY A 426 18.79 -6.19 -1.50
CA GLY A 426 18.77 -5.61 -2.84
C GLY A 426 18.72 -6.68 -3.90
N ILE A 427 18.01 -6.38 -4.98
CA ILE A 427 17.83 -7.31 -6.09
C ILE A 427 18.72 -6.84 -7.24
N GLU A 428 19.71 -7.65 -7.59
CA GLU A 428 20.54 -7.34 -8.74
C GLU A 428 19.69 -7.43 -10.01
N ILE A 429 19.90 -6.50 -10.93
CA ILE A 429 19.11 -6.47 -12.16
C ILE A 429 20.03 -6.76 -13.34
N LYS A 430 20.13 -8.04 -13.71
CA LYS A 430 20.96 -8.42 -14.84
C LYS A 430 20.26 -8.19 -16.17
N VAL A 431 18.93 -8.34 -16.22
CA VAL A 431 18.16 -8.22 -17.44
C VAL A 431 17.04 -7.22 -17.23
N TRP A 432 16.98 -6.21 -18.09
CA TRP A 432 15.89 -5.24 -18.08
C TRP A 432 15.80 -4.61 -19.46
N ALA A 433 14.68 -3.93 -19.71
CA ALA A 433 14.36 -3.39 -21.02
C ALA A 433 13.77 -2.01 -20.85
N ILE A 434 13.81 -1.21 -21.93
CA ILE A 434 13.26 0.14 -21.96
C ILE A 434 12.37 0.25 -23.21
N ALA A 435 11.08 0.49 -22.98
CA ALA A 435 10.13 0.75 -24.06
C ALA A 435 9.69 2.20 -23.95
N CYS A 436 10.11 3.02 -24.90
CA CYS A 436 9.85 4.46 -24.86
C CYS A 436 8.63 4.75 -25.73
N PHE A 437 7.52 5.09 -25.09
CA PHE A 437 6.32 5.52 -25.79
C PHE A 437 6.23 7.04 -25.91
N ALA A 438 7.22 7.75 -25.39
CA ALA A 438 7.33 9.18 -25.61
C ALA A 438 7.73 9.47 -27.05
N PRO A 439 7.41 10.64 -27.57
CA PRO A 439 7.88 11.01 -28.92
C PRO A 439 9.39 11.03 -28.98
N GLN A 440 9.94 10.45 -30.04
CA GLN A 440 11.39 10.36 -30.20
C GLN A 440 12.03 11.73 -30.34
N ARG A 441 11.33 12.67 -30.98
CA ARG A 441 11.82 14.04 -31.07
C ARG A 441 11.80 14.73 -29.72
N GLN A 442 10.95 14.29 -28.80
CA GLN A 442 10.82 14.89 -27.48
C GLN A 442 11.67 14.19 -26.43
N CYS A 443 11.89 12.89 -26.56
CA CYS A 443 12.71 12.11 -25.64
C CYS A 443 13.79 11.42 -26.47
N THR A 444 14.90 12.13 -26.68
CA THR A 444 15.96 11.66 -27.55
C THR A 444 16.74 10.52 -26.91
N GLU A 445 17.45 9.75 -27.74
CA GLU A 445 18.28 8.67 -27.25
C GLU A 445 19.40 9.16 -26.34
N VAL A 446 19.83 10.42 -26.52
CA VAL A 446 20.77 11.04 -25.59
C VAL A 446 20.14 11.14 -24.20
N HIS A 447 18.88 11.59 -24.15
CA HIS A 447 18.17 11.67 -22.88
C HIS A 447 18.01 10.29 -22.25
N LEU A 448 17.71 9.28 -23.05
CA LEU A 448 17.54 7.93 -22.52
C LEU A 448 18.85 7.37 -21.99
N LYS A 449 19.96 7.65 -22.69
CA LYS A 449 21.27 7.20 -22.21
C LYS A 449 21.64 7.89 -20.90
N SER A 450 21.38 9.20 -20.80
CA SER A 450 21.64 9.91 -19.56
C SER A 450 20.78 9.38 -18.42
N PHE A 451 19.50 9.09 -18.70
CA PHE A 451 18.62 8.52 -17.69
C PHE A 451 19.11 7.15 -17.23
N THR A 452 19.55 6.32 -18.18
CA THR A 452 20.06 5.00 -17.83
C THR A 452 21.31 5.10 -16.96
N GLU A 453 22.23 6.00 -17.31
CA GLU A 453 23.45 6.15 -16.52
C GLU A 453 23.16 6.66 -15.11
N GLN A 454 22.32 7.69 -15.00
CA GLN A 454 21.99 8.25 -13.69
C GLN A 454 21.23 7.25 -12.84
N LEU A 455 20.28 6.52 -13.44
CA LEU A 455 19.52 5.51 -12.70
C LEU A 455 20.43 4.38 -12.24
N ARG A 456 21.37 3.96 -13.09
CA ARG A 456 22.29 2.90 -12.70
C ARG A 456 23.17 3.34 -11.54
N LYS A 457 23.67 4.58 -11.57
CA LYS A 457 24.54 5.02 -10.49
C LYS A 457 23.77 5.20 -9.18
N ILE A 458 22.53 5.69 -9.25
CA ILE A 458 21.72 5.83 -8.04
C ILE A 458 21.36 4.47 -7.47
N SER A 459 21.01 3.51 -8.35
CA SER A 459 20.67 2.17 -7.90
C SER A 459 21.87 1.46 -7.29
N ARG A 460 23.06 1.64 -7.87
CA ARG A 460 24.26 1.06 -7.27
C ARG A 460 24.58 1.71 -5.93
N ASP A 461 24.34 3.02 -5.80
CA ASP A 461 24.49 3.67 -4.51
C ASP A 461 23.43 3.23 -3.50
N ALA A 462 22.30 2.68 -3.96
CA ALA A 462 21.23 2.24 -3.09
C ALA A 462 21.28 0.73 -2.80
N GLY A 463 22.32 0.05 -3.26
CA GLY A 463 22.42 -1.38 -3.04
C GLY A 463 21.63 -2.23 -4.01
N MET A 464 21.33 -1.71 -5.19
CA MET A 464 20.56 -2.42 -6.22
C MET A 464 21.35 -2.40 -7.52
N PRO A 465 22.39 -3.22 -7.64
CA PRO A 465 23.26 -3.14 -8.80
C PRO A 465 22.56 -3.55 -10.09
N ILE A 466 22.69 -2.70 -11.09
CA ILE A 466 22.14 -2.94 -12.43
C ILE A 466 23.31 -3.20 -13.36
N GLN A 467 23.44 -4.45 -13.81
CA GLN A 467 24.59 -4.86 -14.61
C GLN A 467 24.37 -4.49 -16.06
N GLY A 468 24.81 -3.29 -16.43
CA GLY A 468 24.87 -2.89 -17.82
C GLY A 468 23.61 -2.24 -18.34
N GLN A 469 23.68 -1.87 -19.61
CA GLN A 469 22.58 -1.25 -20.34
C GLN A 469 21.48 -2.25 -20.60
N PRO A 470 20.25 -1.80 -20.81
CA PRO A 470 19.16 -2.73 -21.15
C PRO A 470 19.40 -3.38 -22.51
N CYS A 471 19.04 -4.67 -22.59
CA CYS A 471 19.17 -5.39 -23.86
C CYS A 471 18.22 -4.84 -24.91
N PHE A 472 16.99 -4.52 -24.51
CA PHE A 472 15.98 -3.98 -25.38
C PHE A 472 15.82 -2.50 -25.03
N CYS A 473 15.89 -1.65 -26.05
CA CYS A 473 15.64 -0.22 -25.84
C CYS A 473 15.04 0.31 -27.14
N LYS A 474 13.71 0.34 -27.21
CA LYS A 474 13.04 0.63 -28.48
C LYS A 474 11.86 1.56 -28.24
N TYR A 475 11.43 2.19 -29.34
CA TYR A 475 10.31 3.12 -29.33
C TYR A 475 9.07 2.44 -29.88
N ALA A 476 7.93 2.72 -29.26
CA ALA A 476 6.65 2.17 -29.69
C ALA A 476 5.59 3.24 -29.55
N GLN A 477 4.51 3.09 -30.31
CA GLN A 477 3.44 4.08 -30.38
C GLN A 477 2.09 3.41 -30.18
N GLY A 478 1.24 4.05 -29.37
CA GLY A 478 -0.12 3.57 -29.17
C GLY A 478 -0.23 2.41 -28.20
N ALA A 479 -1.40 2.30 -27.55
CA ALA A 479 -1.62 1.20 -26.62
C ALA A 479 -1.70 -0.14 -27.33
N ASP A 480 -2.16 -0.14 -28.58
CA ASP A 480 -2.30 -1.38 -29.34
C ASP A 480 -0.96 -2.06 -29.61
N SER A 481 0.14 -1.33 -29.52
CA SER A 481 1.48 -1.89 -29.69
C SER A 481 2.08 -2.36 -28.38
N VAL A 482 1.37 -2.22 -27.26
CA VAL A 482 1.92 -2.64 -25.97
C VAL A 482 1.93 -4.15 -25.85
N GLU A 483 0.75 -4.77 -25.98
CA GLU A 483 0.62 -6.21 -25.77
C GLU A 483 1.50 -7.05 -26.69
N PRO A 484 1.63 -6.75 -28.02
CA PRO A 484 2.60 -7.54 -28.82
C PRO A 484 4.03 -7.44 -28.32
N MET A 485 4.55 -6.21 -28.23
CA MET A 485 5.96 -6.02 -27.90
C MET A 485 6.30 -6.59 -26.54
N PHE A 486 5.44 -6.35 -25.54
CA PHE A 486 5.61 -6.96 -24.23
C PHE A 486 5.67 -8.47 -24.34
N ARG A 487 4.75 -9.07 -25.10
CA ARG A 487 4.80 -10.50 -25.35
C ARG A 487 6.11 -10.87 -26.03
N HIS A 488 6.51 -10.07 -27.02
CA HIS A 488 7.80 -10.26 -27.67
C HIS A 488 8.93 -10.22 -26.67
N LEU A 489 8.87 -9.30 -25.70
CA LEU A 489 9.86 -9.25 -24.65
C LEU A 489 9.91 -10.56 -23.88
N LYS A 490 8.74 -11.08 -23.48
CA LYS A 490 8.70 -12.34 -22.74
C LYS A 490 9.13 -13.50 -23.62
N ASN A 491 9.13 -13.32 -24.93
CA ASN A 491 9.57 -14.36 -25.84
C ASN A 491 11.00 -14.16 -26.34
N THR A 492 11.68 -13.10 -25.88
CA THR A 492 13.02 -12.82 -26.37
C THR A 492 14.10 -12.93 -25.30
N TYR A 493 13.90 -12.29 -24.16
CA TYR A 493 14.93 -12.22 -23.12
C TYR A 493 14.48 -13.06 -21.93
N ALA A 494 15.07 -14.25 -21.79
CA ALA A 494 14.76 -15.11 -20.66
C ALA A 494 15.29 -14.51 -19.37
N GLY A 495 14.55 -14.73 -18.29
CA GLY A 495 14.93 -14.15 -17.02
C GLY A 495 14.71 -12.65 -16.93
N LEU A 496 13.81 -12.11 -17.76
CA LEU A 496 13.55 -10.68 -17.75
C LEU A 496 12.85 -10.29 -16.44
N GLN A 497 13.38 -9.25 -15.80
CA GLN A 497 12.90 -8.85 -14.48
C GLN A 497 12.13 -7.54 -14.47
N LEU A 498 12.32 -6.68 -15.47
CA LEU A 498 11.73 -5.36 -15.40
C LEU A 498 11.72 -4.73 -16.79
N VAL A 499 10.65 -3.99 -17.08
CA VAL A 499 10.56 -3.12 -18.25
C VAL A 499 10.28 -1.71 -17.76
N VAL A 500 11.14 -0.78 -18.13
CA VAL A 500 10.95 0.64 -17.87
C VAL A 500 10.22 1.22 -19.07
N VAL A 501 8.98 1.64 -18.86
CA VAL A 501 8.11 2.16 -19.91
C VAL A 501 8.04 3.67 -19.76
N ILE A 502 8.52 4.38 -20.77
CA ILE A 502 8.50 5.84 -20.76
C ILE A 502 7.20 6.31 -21.38
N LEU A 503 6.49 7.19 -20.68
CA LEU A 503 5.19 7.65 -21.12
C LEU A 503 5.14 9.17 -21.20
N PRO A 504 4.56 9.73 -22.25
CA PRO A 504 4.43 11.20 -22.36
C PRO A 504 3.20 11.73 -21.63
N GLY A 505 3.21 11.57 -20.31
CA GLY A 505 2.08 12.02 -19.52
C GLY A 505 0.92 11.04 -19.57
N LYS A 506 -0.28 11.60 -19.47
CA LYS A 506 -1.49 10.79 -19.45
C LYS A 506 -1.73 10.14 -20.81
N THR A 507 -1.99 8.83 -20.79
CA THR A 507 -2.25 8.07 -22.00
C THR A 507 -2.92 6.74 -21.66
N PRO A 508 -3.73 6.17 -22.56
CA PRO A 508 -4.22 4.80 -22.34
C PRO A 508 -3.12 3.75 -22.38
N VAL A 509 -1.94 4.11 -22.90
CA VAL A 509 -0.79 3.21 -22.89
C VAL A 509 -0.43 2.80 -21.47
N TYR A 510 -0.63 3.70 -20.50
CA TYR A 510 -0.31 3.35 -19.11
C TYR A 510 -1.18 2.22 -18.60
N ALA A 511 -2.50 2.33 -18.77
CA ALA A 511 -3.40 1.29 -18.27
C ALA A 511 -3.26 0.01 -19.07
N GLU A 512 -2.97 0.13 -20.37
CA GLU A 512 -2.72 -1.07 -21.17
C GLU A 512 -1.44 -1.78 -20.73
N VAL A 513 -0.38 -1.02 -20.44
CA VAL A 513 0.85 -1.59 -19.92
C VAL A 513 0.60 -2.28 -18.59
N LYS A 514 -0.15 -1.63 -17.70
CA LYS A 514 -0.44 -2.21 -16.39
C LYS A 514 -1.23 -3.50 -16.52
N ARG A 515 -2.26 -3.50 -17.37
CA ARG A 515 -3.09 -4.69 -17.55
C ARG A 515 -2.28 -5.83 -18.14
N VAL A 516 -1.46 -5.55 -19.16
CA VAL A 516 -0.68 -6.60 -19.81
C VAL A 516 0.37 -7.15 -18.86
N GLY A 517 1.05 -6.28 -18.12
CA GLY A 517 2.08 -6.73 -17.19
C GLY A 517 1.51 -7.51 -16.02
N ASP A 518 0.39 -7.05 -15.47
CA ASP A 518 -0.12 -7.63 -14.23
C ASP A 518 -1.00 -8.84 -14.48
N THR A 519 -2.05 -8.69 -15.30
CA THR A 519 -3.10 -9.69 -15.40
C THR A 519 -3.04 -10.51 -16.68
N VAL A 520 -2.02 -10.32 -17.51
CA VAL A 520 -1.90 -11.03 -18.79
C VAL A 520 -0.60 -11.82 -18.87
N LEU A 521 0.53 -11.16 -18.61
CA LEU A 521 1.83 -11.79 -18.82
C LEU A 521 2.65 -12.01 -17.56
N GLY A 522 2.26 -11.44 -16.42
CA GLY A 522 3.04 -11.59 -15.22
C GLY A 522 4.39 -10.90 -15.28
N MET A 523 4.40 -9.66 -15.78
CA MET A 523 5.61 -8.90 -16.02
C MET A 523 5.68 -7.71 -15.09
N ALA A 524 6.84 -7.49 -14.49
CA ALA A 524 7.06 -6.35 -13.60
C ALA A 524 7.44 -5.15 -14.45
N THR A 525 6.58 -4.13 -14.48
CA THR A 525 6.79 -2.96 -15.33
C THR A 525 6.77 -1.71 -14.47
N GLN A 526 7.74 -0.84 -14.69
CA GLN A 526 7.82 0.46 -14.02
C GLN A 526 7.70 1.55 -15.06
N CYS A 527 6.75 2.46 -14.86
CA CYS A 527 6.51 3.54 -15.81
C CYS A 527 7.14 4.83 -15.29
N VAL A 528 7.75 5.57 -16.22
CA VAL A 528 8.36 6.87 -15.92
C VAL A 528 7.79 7.89 -16.89
N GLN A 529 7.41 9.05 -16.37
CA GLN A 529 7.00 10.15 -17.23
C GLN A 529 8.19 10.70 -18.01
N MET A 530 7.89 11.29 -19.17
CA MET A 530 8.93 11.80 -20.04
C MET A 530 9.66 12.98 -19.40
N LYS A 531 8.93 13.83 -18.67
CA LYS A 531 9.52 15.00 -18.03
C LYS A 531 10.53 14.62 -16.94
N ASN A 532 10.48 13.39 -16.44
CA ASN A 532 11.44 12.91 -15.46
C ASN A 532 12.60 12.16 -16.12
N VAL A 533 12.67 12.16 -17.45
CA VAL A 533 13.77 11.53 -18.17
C VAL A 533 14.69 12.60 -18.73
N GLN A 534 14.09 13.70 -19.22
CA GLN A 534 14.89 14.79 -19.77
C GLN A 534 15.64 15.54 -18.68
N ARG A 535 15.01 15.76 -17.53
CA ARG A 535 15.66 16.36 -16.37
C ARG A 535 15.53 15.38 -15.20
N THR A 536 16.65 14.88 -14.72
CA THR A 536 16.68 13.84 -13.69
C THR A 536 17.26 14.41 -12.40
N THR A 537 16.56 14.18 -11.29
CA THR A 537 16.99 14.54 -9.96
C THR A 537 17.36 13.29 -9.18
N PRO A 538 18.32 13.36 -8.25
CA PRO A 538 18.68 12.16 -7.47
C PRO A 538 17.55 11.63 -6.61
N GLN A 539 16.68 12.50 -6.10
CA GLN A 539 15.56 12.04 -5.28
C GLN A 539 14.55 11.26 -6.12
N THR A 540 14.27 11.73 -7.33
CA THR A 540 13.36 11.02 -8.23
C THR A 540 13.90 9.65 -8.56
N LEU A 541 15.19 9.56 -8.86
CA LEU A 541 15.81 8.27 -9.16
C LEU A 541 15.81 7.37 -7.95
N SER A 542 16.01 7.93 -6.75
CA SER A 542 16.01 7.11 -5.54
C SER A 542 14.62 6.54 -5.25
N ASN A 543 13.57 7.35 -5.39
CA ASN A 543 12.22 6.83 -5.20
C ASN A 543 11.87 5.80 -6.26
N LEU A 544 12.30 6.04 -7.51
CA LEU A 544 12.17 5.05 -8.56
C LEU A 544 12.83 3.74 -8.15
N CYS A 545 14.04 3.82 -7.60
CA CYS A 545 14.77 2.62 -7.21
C CYS A 545 14.09 1.89 -6.06
N LEU A 546 13.48 2.64 -5.13
CA LEU A 546 12.67 2.02 -4.10
C LEU A 546 11.56 1.18 -4.72
N LYS A 547 10.85 1.76 -5.68
CA LYS A 547 9.76 1.03 -6.35
C LYS A 547 10.29 -0.19 -7.10
N ILE A 548 11.45 -0.06 -7.75
CA ILE A 548 12.03 -1.18 -8.49
C ILE A 548 12.37 -2.32 -7.55
N ASN A 549 13.02 -1.99 -6.42
CA ASN A 549 13.44 -3.03 -5.49
C ASN A 549 12.24 -3.73 -4.86
N VAL A 550 11.15 -2.99 -4.63
CA VAL A 550 9.94 -3.63 -4.11
C VAL A 550 9.31 -4.53 -5.16
N LYS A 551 9.23 -4.04 -6.40
CA LYS A 551 8.52 -4.77 -7.45
C LYS A 551 9.25 -6.05 -7.83
N LEU A 552 10.56 -6.10 -7.62
CA LEU A 552 11.36 -7.25 -8.01
C LEU A 552 11.52 -8.29 -6.90
N GLY A 553 10.89 -8.08 -5.75
CA GLY A 553 10.89 -9.07 -4.70
C GLY A 553 11.86 -8.84 -3.56
N GLY A 554 12.49 -7.66 -3.48
CA GLY A 554 13.38 -7.37 -2.38
C GLY A 554 12.71 -6.56 -1.29
N VAL A 555 13.30 -6.60 -0.10
CA VAL A 555 12.87 -5.79 1.03
C VAL A 555 13.84 -4.62 1.18
N ASN A 556 13.30 -3.41 1.11
CA ASN A 556 14.14 -2.21 1.18
C ASN A 556 14.65 -2.00 2.60
N ASN A 557 13.76 -2.11 3.58
CA ASN A 557 14.10 -1.88 4.98
C ASN A 557 13.10 -2.59 5.86
N ILE A 558 13.48 -2.80 7.12
CA ILE A 558 12.61 -3.36 8.13
C ILE A 558 12.68 -2.46 9.35
N LEU A 559 11.67 -2.61 10.22
CA LEU A 559 11.74 -1.96 11.52
C LEU A 559 12.84 -2.59 12.35
N LEU A 560 13.34 -1.84 13.33
CA LEU A 560 14.32 -2.40 14.24
C LEU A 560 13.63 -3.46 15.08
N PRO A 561 14.10 -4.71 15.03
CA PRO A 561 13.38 -5.80 15.70
C PRO A 561 13.30 -5.66 17.21
N GLN A 562 14.33 -5.09 17.85
CA GLN A 562 14.31 -4.94 19.29
C GLN A 562 13.46 -3.77 19.77
N GLY A 563 12.98 -2.92 18.87
CA GLY A 563 12.13 -1.81 19.21
C GLY A 563 10.66 -2.02 18.96
N ARG A 564 10.26 -3.18 18.47
CA ARG A 564 8.88 -3.47 18.15
C ARG A 564 8.09 -3.81 19.42
N PRO A 565 6.77 -3.62 19.38
CA PRO A 565 5.92 -4.06 20.50
C PRO A 565 5.96 -5.56 20.69
N PRO A 566 5.53 -6.07 21.84
CA PRO A 566 5.65 -7.52 22.10
C PRO A 566 4.79 -8.40 21.21
N VAL A 567 3.87 -7.82 20.41
CA VAL A 567 2.99 -8.60 19.56
C VAL A 567 3.75 -9.39 18.50
N PHE A 568 5.00 -9.03 18.22
CA PHE A 568 5.82 -9.75 17.27
C PHE A 568 6.55 -10.93 17.89
N GLN A 569 6.35 -11.18 19.19
CA GLN A 569 6.92 -12.38 19.80
C GLN A 569 6.22 -13.65 19.33
N GLN A 570 4.95 -13.54 18.94
CA GLN A 570 4.15 -14.61 18.37
C GLN A 570 3.91 -14.34 16.89
N PRO A 571 3.66 -15.37 16.09
CA PRO A 571 3.33 -15.14 14.68
C PRO A 571 2.06 -14.31 14.53
N VAL A 572 2.08 -13.39 13.58
CA VAL A 572 1.00 -12.42 13.42
C VAL A 572 0.92 -12.03 11.94
N ILE A 573 -0.30 -11.80 11.47
CA ILE A 573 -0.54 -11.34 10.11
C ILE A 573 -1.25 -10.00 10.19
N PHE A 574 -0.88 -9.08 9.31
CA PHE A 574 -1.50 -7.76 9.23
C PHE A 574 -2.28 -7.69 7.93
N LEU A 575 -3.57 -7.39 8.03
CA LEU A 575 -4.47 -7.38 6.89
C LEU A 575 -5.00 -5.97 6.67
N GLY A 576 -4.91 -5.51 5.44
CA GLY A 576 -5.48 -4.23 5.05
C GLY A 576 -6.52 -4.40 3.97
N ALA A 577 -7.69 -3.81 4.15
CA ALA A 577 -8.80 -3.99 3.22
C ALA A 577 -9.36 -2.64 2.80
N ASP A 578 -9.78 -2.55 1.55
CA ASP A 578 -10.37 -1.32 1.02
C ASP A 578 -11.27 -1.65 -0.15
N VAL A 579 -12.44 -1.02 -0.19
CA VAL A 579 -13.37 -1.17 -1.30
C VAL A 579 -13.53 0.19 -1.97
N THR A 580 -13.29 0.24 -3.27
CA THR A 580 -13.50 1.43 -4.08
C THR A 580 -14.76 1.23 -4.91
N HIS A 581 -15.49 2.32 -5.12
CA HIS A 581 -16.76 2.26 -5.83
C HIS A 581 -16.77 3.22 -7.00
N PRO A 582 -17.48 2.94 -8.13
CA PRO A 582 -17.60 3.92 -9.21
C PRO A 582 -18.66 4.95 -8.84
N PRO A 583 -18.77 6.08 -9.57
CA PRO A 583 -19.79 7.08 -9.29
C PRO A 583 -21.22 6.55 -9.32
N ALA A 584 -22.16 7.30 -8.72
CA ALA A 584 -23.57 6.85 -8.67
C ALA A 584 -24.22 6.99 -10.05
N GLY A 585 -25.45 6.47 -10.19
CA GLY A 585 -26.13 6.50 -11.47
C GLY A 585 -25.55 5.48 -12.42
N ASP A 586 -25.28 4.28 -11.92
CA ASP A 586 -24.53 3.26 -12.65
C ASP A 586 -25.04 1.89 -12.20
N GLY A 587 -24.24 0.86 -12.43
CA GLY A 587 -24.62 -0.50 -12.12
C GLY A 587 -23.96 -1.46 -13.08
N LYS A 588 -23.52 -0.94 -14.23
CA LYS A 588 -22.66 -1.71 -15.10
C LYS A 588 -21.23 -1.76 -14.57
N LYS A 589 -20.84 -0.76 -13.79
CA LYS A 589 -19.51 -0.70 -13.20
C LYS A 589 -19.57 -1.22 -11.78
N PRO A 590 -18.76 -2.20 -11.41
CA PRO A 590 -18.86 -2.82 -10.09
C PRO A 590 -17.90 -2.19 -9.09
N SER A 591 -18.08 -2.59 -7.84
CA SER A 591 -17.14 -2.19 -6.79
C SER A 591 -15.96 -3.14 -6.78
N ILE A 592 -14.82 -2.64 -6.29
CA ILE A 592 -13.59 -3.43 -6.26
C ILE A 592 -13.12 -3.49 -4.81
N ALA A 593 -12.99 -4.70 -4.29
CA ALA A 593 -12.54 -4.92 -2.92
C ALA A 593 -11.17 -5.57 -2.94
N ALA A 594 -10.21 -4.96 -2.25
CA ALA A 594 -8.84 -5.45 -2.20
C ALA A 594 -8.44 -5.68 -0.75
N VAL A 595 -7.85 -6.85 -0.51
CA VAL A 595 -7.33 -7.21 0.81
C VAL A 595 -5.89 -7.69 0.65
N VAL A 596 -4.98 -7.08 1.39
CA VAL A 596 -3.57 -7.45 1.38
C VAL A 596 -3.19 -7.96 2.75
N GLY A 597 -2.19 -8.83 2.78
CA GLY A 597 -1.74 -9.43 4.03
C GLY A 597 -0.23 -9.51 4.08
N SER A 598 0.32 -9.21 5.25
CA SER A 598 1.77 -9.30 5.45
C SER A 598 2.21 -10.75 5.43
N MET A 599 3.37 -11.01 4.82
CA MET A 599 3.80 -12.37 4.52
C MET A 599 5.04 -12.79 5.30
N ASP A 600 5.45 -12.00 6.29
CA ASP A 600 6.62 -12.37 7.09
C ASP A 600 6.55 -11.64 8.43
N ALA A 601 7.49 -11.98 9.31
CA ALA A 601 7.55 -11.39 10.64
C ALA A 601 7.85 -9.90 10.60
N HIS A 602 8.73 -9.47 9.71
CA HIS A 602 8.98 -8.05 9.49
C HIS A 602 7.89 -7.51 8.58
N PRO A 603 6.95 -6.71 9.11
CA PRO A 603 5.75 -6.37 8.32
C PRO A 603 6.04 -5.46 7.14
N ASN A 604 6.75 -5.99 6.14
CA ASN A 604 7.11 -5.22 4.95
C ASN A 604 6.55 -5.83 3.68
N ARG A 605 6.71 -7.12 3.47
CA ARG A 605 6.24 -7.79 2.26
C ARG A 605 4.78 -8.17 2.39
N TYR A 606 3.99 -7.85 1.36
CA TYR A 606 2.55 -8.05 1.38
C TYR A 606 2.09 -8.75 0.12
N CYS A 607 1.16 -9.69 0.28
CA CYS A 607 0.46 -10.31 -0.83
C CYS A 607 -0.93 -9.70 -0.94
N ALA A 608 -1.49 -9.77 -2.16
CA ALA A 608 -2.72 -9.06 -2.47
C ALA A 608 -3.75 -9.99 -3.08
N THR A 609 -5.02 -9.79 -2.71
CA THR A 609 -6.15 -10.43 -3.35
C THR A 609 -7.18 -9.35 -3.67
N VAL A 610 -7.90 -9.52 -4.78
CA VAL A 610 -8.83 -8.51 -5.25
C VAL A 610 -10.07 -9.21 -5.81
N ARG A 611 -11.22 -8.55 -5.66
CA ARG A 611 -12.50 -9.11 -6.06
C ARG A 611 -13.38 -8.03 -6.67
N VAL A 612 -13.99 -8.35 -7.81
CA VAL A 612 -15.08 -7.55 -8.36
C VAL A 612 -16.35 -7.97 -7.62
N GLN A 613 -17.03 -7.00 -7.02
CA GLN A 613 -18.23 -7.27 -6.25
C GLN A 613 -19.33 -6.28 -6.65
N GLN A 614 -20.52 -6.51 -6.07
CA GLN A 614 -21.74 -5.86 -6.50
C GLN A 614 -21.62 -4.35 -6.39
N HIS A 615 -22.32 -3.65 -7.28
CA HIS A 615 -22.24 -2.20 -7.40
C HIS A 615 -22.59 -1.53 -6.07
N ARG A 616 -21.67 -0.69 -5.60
CA ARG A 616 -21.84 0.13 -4.39
C ARG A 616 -22.11 -0.71 -3.15
N GLN A 617 -21.50 -1.89 -3.06
CA GLN A 617 -21.61 -2.74 -1.87
C GLN A 617 -20.40 -2.49 -0.97
N GLU A 618 -20.65 -2.12 0.29
CA GLU A 618 -19.52 -1.74 1.18
C GLU A 618 -18.87 -2.94 1.86
N ILE A 619 -19.65 -3.91 2.29
CA ILE A 619 -19.03 -5.08 2.91
C ILE A 619 -18.35 -5.92 1.83
N ILE A 620 -17.23 -6.53 2.19
CA ILE A 620 -16.54 -7.40 1.25
C ILE A 620 -17.22 -8.76 1.28
N GLN A 621 -17.98 -9.04 0.21
CA GLN A 621 -18.79 -10.25 0.16
C GLN A 621 -17.94 -11.51 0.18
N ASP A 622 -16.84 -11.51 -0.57
CA ASP A 622 -15.97 -12.68 -0.67
C ASP A 622 -14.75 -12.56 0.23
N LEU A 623 -14.91 -11.97 1.42
CA LEU A 623 -13.77 -11.77 2.31
C LEU A 623 -13.22 -13.08 2.84
N ALA A 624 -14.09 -14.06 3.06
CA ALA A 624 -13.65 -15.33 3.65
C ALA A 624 -12.65 -16.04 2.75
N ALA A 625 -12.92 -16.08 1.43
CA ALA A 625 -12.01 -16.73 0.51
C ALA A 625 -10.69 -15.96 0.37
N MET A 626 -10.77 -14.62 0.37
CA MET A 626 -9.56 -13.81 0.28
C MET A 626 -8.67 -13.99 1.49
N VAL A 627 -9.28 -13.98 2.68
CA VAL A 627 -8.53 -14.19 3.93
C VAL A 627 -7.97 -15.60 3.97
N ARG A 628 -8.73 -16.58 3.47
CA ARG A 628 -8.23 -17.95 3.43
C ARG A 628 -7.00 -18.06 2.54
N GLU A 629 -7.03 -17.43 1.36
CA GLU A 629 -5.88 -17.48 0.47
C GLU A 629 -4.68 -16.74 1.07
N LEU A 630 -4.93 -15.60 1.74
CA LEU A 630 -3.85 -14.86 2.37
C LEU A 630 -3.23 -15.66 3.52
N LEU A 631 -4.06 -16.34 4.31
CA LEU A 631 -3.53 -17.18 5.40
C LEU A 631 -2.77 -18.37 4.85
N ILE A 632 -3.22 -18.93 3.74
CA ILE A 632 -2.49 -20.03 3.11
C ILE A 632 -1.12 -19.55 2.64
N GLN A 633 -1.07 -18.35 2.06
CA GLN A 633 0.22 -17.80 1.63
C GLN A 633 1.12 -17.50 2.83
N PHE A 634 0.54 -17.01 3.93
CA PHE A 634 1.33 -16.77 5.14
C PHE A 634 1.89 -18.07 5.70
N TYR A 635 1.10 -19.14 5.72
CA TYR A 635 1.58 -20.42 6.20
C TYR A 635 2.63 -21.00 5.27
N LYS A 636 2.51 -20.72 3.96
CA LYS A 636 3.53 -21.18 3.02
C LYS A 636 4.83 -20.42 3.20
N SER A 637 4.74 -19.14 3.55
CA SER A 637 5.94 -18.31 3.66
C SER A 637 6.64 -18.52 4.99
N THR A 638 5.95 -18.20 6.09
CA THR A 638 6.58 -18.22 7.41
C THR A 638 6.56 -19.59 8.08
N ARG A 639 5.86 -20.56 7.50
CA ARG A 639 5.73 -21.92 8.06
C ARG A 639 5.12 -21.91 9.45
N PHE A 640 4.28 -20.91 9.73
CA PHE A 640 3.63 -20.79 11.04
C PHE A 640 2.30 -20.10 10.84
N LYS A 641 1.23 -20.68 11.37
CA LYS A 641 -0.06 -20.01 11.31
C LYS A 641 -0.04 -18.77 12.21
N PRO A 642 -0.74 -17.71 11.84
CA PRO A 642 -0.76 -16.51 12.68
C PRO A 642 -1.50 -16.78 13.99
N THR A 643 -0.83 -16.52 15.10
CA THR A 643 -1.48 -16.53 16.40
C THR A 643 -2.44 -15.36 16.58
N ARG A 644 -2.12 -14.22 15.98
CA ARG A 644 -2.94 -13.02 16.08
C ARG A 644 -3.19 -12.46 14.69
N ILE A 645 -4.36 -11.86 14.50
CA ILE A 645 -4.75 -11.28 13.22
C ILE A 645 -5.10 -9.82 13.46
N ILE A 646 -4.42 -8.92 12.74
CA ILE A 646 -4.66 -7.49 12.84
C ILE A 646 -5.28 -7.04 11.52
N PHE A 647 -6.51 -6.54 11.60
CA PHE A 647 -7.28 -6.17 10.42
C PHE A 647 -7.47 -4.66 10.41
N TYR A 648 -6.89 -4.00 9.40
CA TYR A 648 -7.08 -2.58 9.17
C TYR A 648 -8.01 -2.41 7.98
N ARG A 649 -9.19 -1.84 8.24
CA ARG A 649 -10.23 -1.71 7.21
C ARG A 649 -10.37 -0.24 6.86
N ALA A 650 -10.34 0.07 5.57
CA ALA A 650 -10.42 1.44 5.10
C ALA A 650 -11.73 1.67 4.35
N GLY A 651 -12.17 2.92 4.37
CA GLY A 651 -13.38 3.30 3.65
C GLY A 651 -14.67 2.75 4.21
N VAL A 652 -14.83 2.73 5.53
CA VAL A 652 -16.07 2.31 6.17
C VAL A 652 -16.57 3.48 7.01
N SER A 653 -17.80 3.93 6.72
CA SER A 653 -18.39 5.04 7.45
C SER A 653 -18.82 4.60 8.84
N GLU A 654 -19.21 5.57 9.66
CA GLU A 654 -19.67 5.27 11.01
C GLU A 654 -20.99 4.49 10.98
N GLY A 655 -21.95 4.94 10.17
CA GLY A 655 -23.27 4.33 10.14
C GLY A 655 -23.27 2.89 9.68
N GLN A 656 -22.20 2.43 9.05
CA GLN A 656 -22.06 1.05 8.63
C GLN A 656 -20.99 0.33 9.46
N PHE A 657 -20.84 0.71 10.72
CA PHE A 657 -19.83 0.07 11.58
C PHE A 657 -20.16 -1.39 11.84
N GLN A 658 -21.39 -1.66 12.28
CA GLN A 658 -21.71 -2.98 12.82
C GLN A 658 -21.86 -4.03 11.73
N GLN A 659 -22.47 -3.66 10.60
CA GLN A 659 -22.74 -4.61 9.52
C GLN A 659 -21.46 -5.26 9.03
N VAL A 660 -20.45 -4.42 8.70
CA VAL A 660 -19.13 -4.92 8.37
C VAL A 660 -18.60 -5.81 9.49
N LEU A 661 -18.69 -5.32 10.73
CA LEU A 661 -18.20 -6.07 11.88
C LEU A 661 -18.97 -7.38 12.03
N HIS A 662 -20.24 -7.40 11.63
CA HIS A 662 -20.98 -8.65 11.70
C HIS A 662 -20.52 -9.61 10.61
N HIS A 663 -20.27 -9.09 9.40
CA HIS A 663 -19.97 -9.98 8.29
C HIS A 663 -18.50 -10.38 8.29
N GLU A 664 -17.61 -9.38 8.14
CA GLU A 664 -16.21 -9.63 7.86
C GLU A 664 -15.52 -10.42 8.96
N LEU A 665 -15.76 -10.07 10.22
CA LEU A 665 -15.24 -10.85 11.34
C LEU A 665 -15.63 -12.32 11.20
N LEU A 666 -16.93 -12.58 10.99
CA LEU A 666 -17.38 -13.95 10.77
C LEU A 666 -16.64 -14.59 9.61
N ALA A 667 -16.50 -13.84 8.52
CA ALA A 667 -15.77 -14.36 7.36
C ALA A 667 -14.35 -14.73 7.74
N ILE A 668 -13.67 -13.85 8.50
CA ILE A 668 -12.32 -14.16 8.94
C ILE A 668 -12.33 -15.42 9.78
N ARG A 669 -13.28 -15.50 10.72
CA ARG A 669 -13.42 -16.69 11.54
C ARG A 669 -13.69 -17.90 10.65
N GLU A 670 -14.55 -17.73 9.66
CA GLU A 670 -14.83 -18.83 8.72
C GLU A 670 -13.56 -19.27 8.02
N ALA A 671 -12.74 -18.31 7.59
CA ALA A 671 -11.48 -18.65 6.95
C ALA A 671 -10.60 -19.43 7.90
N CYS A 672 -10.56 -19.02 9.17
CA CYS A 672 -9.80 -19.75 10.17
C CYS A 672 -10.33 -21.17 10.31
N ILE A 673 -11.66 -21.32 10.33
CA ILE A 673 -12.25 -22.65 10.42
C ILE A 673 -11.93 -23.45 9.15
N LYS A 674 -11.81 -22.75 8.02
CA LYS A 674 -11.45 -23.44 6.80
C LYS A 674 -9.96 -23.66 6.66
N LEU A 675 -9.15 -23.08 7.56
CA LEU A 675 -7.71 -23.25 7.44
C LEU A 675 -7.25 -24.56 8.07
N GLU A 676 -7.70 -24.83 9.30
CA GLU A 676 -7.39 -26.09 9.97
C GLU A 676 -8.49 -26.32 11.00
N LYS A 677 -8.75 -27.59 11.30
CA LYS A 677 -9.67 -27.95 12.37
C LYS A 677 -9.19 -27.38 13.69
N ASP A 678 -10.10 -26.72 14.41
CA ASP A 678 -9.84 -26.12 15.72
C ASP A 678 -8.70 -25.10 15.66
N TYR A 679 -8.93 -24.04 14.88
CA TYR A 679 -7.95 -22.96 14.72
C TYR A 679 -8.71 -21.65 14.81
N GLN A 680 -8.62 -20.99 15.97
CA GLN A 680 -9.31 -19.71 16.21
C GLN A 680 -8.31 -18.71 16.77
N PRO A 681 -7.47 -18.12 15.91
CA PRO A 681 -6.56 -17.09 16.39
C PRO A 681 -7.30 -15.82 16.80
N GLY A 682 -6.72 -15.10 17.74
CA GLY A 682 -7.27 -13.82 18.16
C GLY A 682 -7.28 -12.81 17.03
N ILE A 683 -8.41 -12.16 16.82
CA ILE A 683 -8.62 -11.26 15.69
C ILE A 683 -8.75 -9.83 16.21
N THR A 684 -7.94 -8.93 15.67
CA THR A 684 -8.05 -7.51 15.96
C THR A 684 -8.55 -6.80 14.71
N PHE A 685 -9.73 -6.20 14.82
CA PHE A 685 -10.42 -5.52 13.73
C PHE A 685 -10.43 -4.03 14.05
N ILE A 686 -9.70 -3.26 13.25
CA ILE A 686 -9.61 -1.81 13.36
C ILE A 686 -10.02 -1.21 12.01
N VAL A 687 -10.71 -0.08 12.05
CA VAL A 687 -11.13 0.62 10.84
C VAL A 687 -10.36 1.93 10.73
N VAL A 688 -9.85 2.23 9.55
CA VAL A 688 -9.07 3.43 9.29
C VAL A 688 -9.95 4.47 8.59
N GLN A 689 -9.91 5.70 9.09
CA GLN A 689 -10.69 6.82 8.53
C GLN A 689 -9.78 8.02 8.38
N LYS A 690 -9.25 8.23 7.18
CA LYS A 690 -8.48 9.44 6.91
C LYS A 690 -9.36 10.67 6.74
N ARG A 691 -10.64 10.48 6.40
CA ARG A 691 -11.54 11.58 6.07
C ARG A 691 -12.39 11.92 7.29
N HIS A 692 -12.15 13.10 7.86
CA HIS A 692 -12.92 13.67 8.96
C HIS A 692 -12.50 15.12 9.10
N HIS A 693 -13.26 15.87 9.91
CA HIS A 693 -13.01 17.28 10.13
C HIS A 693 -12.28 17.55 11.43
N THR A 694 -11.53 16.58 11.94
CA THR A 694 -10.77 16.73 13.17
C THR A 694 -9.39 17.29 12.82
N ARG A 695 -9.15 18.54 13.20
CA ARG A 695 -7.88 19.20 12.95
C ARG A 695 -7.16 19.42 14.28
N LEU A 696 -5.84 19.22 14.27
CA LEU A 696 -5.02 19.40 15.47
C LEU A 696 -3.92 20.41 15.18
N PHE A 697 -3.69 21.31 16.13
CA PHE A 697 -2.62 22.30 16.02
C PHE A 697 -1.83 22.34 17.31
N CYS A 698 -0.55 22.66 17.20
CA CYS A 698 0.28 22.83 18.40
C CYS A 698 -0.08 24.11 19.11
N THR A 699 0.00 24.09 20.44
CA THR A 699 -0.37 25.27 21.22
C THR A 699 0.71 26.34 21.23
N ASP A 700 1.98 25.96 21.17
CA ASP A 700 3.08 26.92 21.22
C ASP A 700 3.89 26.87 19.94
N LYS A 701 4.46 28.03 19.58
CA LYS A 701 5.24 28.18 18.35
C LYS A 701 6.49 27.30 18.33
N ASN A 702 6.98 26.87 19.50
CA ASN A 702 8.22 26.10 19.54
C ASN A 702 8.04 24.67 19.03
N GLU A 703 6.80 24.22 18.84
CA GLU A 703 6.56 22.84 18.43
C GLU A 703 6.01 22.70 17.02
N ARG A 704 5.72 23.81 16.33
CA ARG A 704 5.22 23.75 14.97
C ARG A 704 6.28 23.21 14.01
N VAL A 705 5.83 22.64 12.90
CA VAL A 705 6.67 21.89 11.97
C VAL A 705 6.79 22.68 10.67
N GLY A 706 8.02 23.04 10.31
CA GLY A 706 8.31 23.61 9.02
C GLY A 706 7.67 24.98 8.79
N LYS A 707 7.59 25.33 7.51
CA LYS A 707 6.92 26.57 7.12
C LYS A 707 5.42 26.50 7.40
N SER A 708 4.81 25.34 7.16
CA SER A 708 3.37 25.19 7.32
C SER A 708 2.94 25.20 8.78
N GLY A 709 3.87 24.97 9.72
CA GLY A 709 3.54 25.00 11.12
C GLY A 709 2.58 23.92 11.58
N ASN A 710 2.83 22.68 11.17
CA ASN A 710 1.95 21.57 11.49
C ASN A 710 2.35 20.92 12.82
N ILE A 711 1.65 19.84 13.17
CA ILE A 711 1.97 19.04 14.33
C ILE A 711 3.03 18.02 13.94
N PRO A 712 3.87 17.56 14.86
CA PRO A 712 4.91 16.58 14.49
C PRO A 712 4.33 15.23 14.14
N ALA A 713 5.08 14.48 13.35
CA ALA A 713 4.71 13.10 13.05
C ALA A 713 4.77 12.26 14.32
N GLY A 714 3.76 11.43 14.51
CA GLY A 714 3.62 10.63 15.71
C GLY A 714 2.65 11.17 16.73
N THR A 715 1.87 12.18 16.38
CA THR A 715 1.00 12.80 17.37
C THR A 715 -0.25 11.95 17.57
N THR A 716 -0.37 11.33 18.73
CA THR A 716 -1.46 10.41 19.02
C THR A 716 -2.35 10.99 20.12
N VAL A 717 -3.65 11.05 19.84
CA VAL A 717 -4.63 11.56 20.78
C VAL A 717 -5.69 10.48 20.98
N ASP A 718 -5.87 10.04 22.21
CA ASP A 718 -6.90 9.05 22.53
C ASP A 718 -7.74 9.52 23.71
N THR A 719 -7.81 10.83 23.91
CA THR A 719 -8.57 11.40 25.02
C THR A 719 -9.35 12.60 24.52
N LYS A 720 -10.53 12.78 25.12
CA LYS A 720 -11.30 14.03 25.15
C LYS A 720 -11.96 14.36 23.80
N ILE A 721 -11.57 13.66 22.72
CA ILE A 721 -12.19 13.88 21.43
C ILE A 721 -12.57 12.54 20.82
N THR A 722 -12.29 11.47 21.54
CA THR A 722 -12.59 10.12 21.09
C THR A 722 -13.86 9.62 21.77
N HIS A 723 -14.24 8.38 21.46
CA HIS A 723 -15.45 7.81 22.06
C HIS A 723 -15.15 7.41 23.50
N PRO A 724 -15.99 7.82 24.46
CA PRO A 724 -15.70 7.55 25.88
C PRO A 724 -15.64 6.06 26.23
N THR A 725 -16.45 5.23 25.58
CA THR A 725 -16.57 3.83 25.97
C THR A 725 -16.16 2.88 24.85
N GLU A 726 -15.33 3.36 23.91
CA GLU A 726 -14.89 2.54 22.80
C GLU A 726 -13.41 2.79 22.55
N PHE A 727 -12.77 1.80 21.93
CA PHE A 727 -11.33 1.82 21.68
C PHE A 727 -11.09 2.48 20.32
N ASP A 728 -10.85 3.79 20.36
CA ASP A 728 -10.56 4.56 19.17
C ASP A 728 -9.54 5.66 19.51
N PHE A 729 -8.80 6.09 18.50
CA PHE A 729 -7.79 7.13 18.68
C PHE A 729 -7.53 7.83 17.36
N TYR A 730 -6.79 8.93 17.44
CA TYR A 730 -6.30 9.67 16.29
C TYR A 730 -4.78 9.59 16.28
N LEU A 731 -4.21 9.41 15.09
CA LEU A 731 -2.76 9.32 14.94
C LEU A 731 -2.36 10.10 13.70
N CYS A 732 -1.63 11.20 13.91
CA CYS A 732 -0.98 11.94 12.83
C CYS A 732 0.42 11.37 12.71
N SER A 733 0.59 10.50 11.73
CA SER A 733 1.84 9.78 11.53
C SER A 733 2.66 10.31 10.36
N HIS A 734 2.19 11.37 9.70
CA HIS A 734 2.89 11.93 8.55
C HIS A 734 3.31 13.36 8.86
N ALA A 735 4.44 13.77 8.27
CA ALA A 735 4.93 15.12 8.43
C ALA A 735 4.23 16.04 7.43
N GLY A 736 3.52 17.05 7.94
CA GLY A 736 2.82 17.98 7.08
C GLY A 736 3.74 19.10 6.61
N ILE A 737 3.68 19.39 5.31
CA ILE A 737 4.52 20.41 4.70
C ILE A 737 3.65 21.48 4.06
N GLN A 738 2.36 21.21 3.93
CA GLN A 738 1.43 22.17 3.34
C GLN A 738 0.11 22.14 4.10
N GLY A 739 -0.41 23.33 4.39
CA GLY A 739 -1.69 23.49 5.04
C GLY A 739 -1.72 22.88 6.43
N THR A 740 -2.86 22.28 6.76
CA THR A 740 -3.07 21.62 8.04
C THR A 740 -3.05 20.11 7.84
N SER A 741 -2.28 19.42 8.67
CA SER A 741 -2.22 17.96 8.60
C SER A 741 -3.54 17.35 9.04
N ARG A 742 -3.92 16.27 8.37
CA ARG A 742 -5.12 15.52 8.73
C ARG A 742 -4.71 14.19 9.34
N PRO A 743 -4.92 13.98 10.64
CA PRO A 743 -4.55 12.70 11.24
C PRO A 743 -5.55 11.62 10.85
N SER A 744 -5.14 10.37 11.06
CA SER A 744 -5.98 9.24 10.73
C SER A 744 -6.68 8.72 11.97
N HIS A 745 -7.98 8.44 11.85
CA HIS A 745 -8.77 7.91 12.95
C HIS A 745 -8.78 6.39 12.86
N TYR A 746 -8.51 5.74 13.98
CA TYR A 746 -8.52 4.28 14.08
C TYR A 746 -9.48 3.87 15.18
N HIS A 747 -10.55 3.17 14.81
CA HIS A 747 -11.53 2.64 15.74
C HIS A 747 -11.41 1.12 15.77
N VAL A 748 -11.21 0.57 16.96
CA VAL A 748 -11.01 -0.87 17.12
C VAL A 748 -12.38 -1.51 17.30
N LEU A 749 -12.87 -2.16 16.25
CA LEU A 749 -14.18 -2.79 16.29
C LEU A 749 -14.16 -4.16 16.95
N TRP A 750 -13.00 -4.83 16.98
CA TRP A 750 -12.91 -6.13 17.65
C TRP A 750 -11.51 -6.31 18.18
N ASP A 751 -11.39 -6.92 19.36
CA ASP A 751 -10.07 -7.13 19.97
C ASP A 751 -10.11 -8.41 20.80
N ASP A 752 -9.71 -9.52 20.18
CA ASP A 752 -9.52 -10.76 20.89
C ASP A 752 -8.10 -10.91 21.44
N ASN A 753 -7.20 -10.02 21.08
CA ASN A 753 -5.80 -10.10 21.47
C ASN A 753 -5.50 -9.38 22.78
N ARG A 754 -6.49 -8.70 23.36
CA ARG A 754 -6.35 -7.96 24.62
C ARG A 754 -5.22 -6.94 24.54
N PHE A 755 -5.22 -6.15 23.46
CA PHE A 755 -4.25 -5.08 23.29
C PHE A 755 -4.46 -4.00 24.33
N SER A 756 -3.38 -3.30 24.66
CA SER A 756 -3.50 -2.04 25.37
C SER A 756 -3.48 -0.89 24.38
N SER A 757 -3.83 0.31 24.87
CA SER A 757 -3.82 1.47 23.99
C SER A 757 -2.42 1.80 23.51
N ASP A 758 -1.43 1.69 24.40
CA ASP A 758 -0.04 1.97 24.04
C ASP A 758 0.45 1.03 22.95
N GLU A 759 0.22 -0.28 23.13
CA GLU A 759 0.74 -1.26 22.18
C GLU A 759 0.11 -1.10 20.81
N LEU A 760 -1.21 -0.87 20.76
CA LEU A 760 -1.88 -0.72 19.49
C LEU A 760 -1.49 0.59 18.79
N GLN A 761 -1.37 1.68 19.54
CA GLN A 761 -0.95 2.93 18.95
C GLN A 761 0.48 2.86 18.40
N ILE A 762 1.38 2.23 19.17
CA ILE A 762 2.76 2.07 18.72
C ILE A 762 2.82 1.17 17.49
N LEU A 763 2.03 0.09 17.48
CA LEU A 763 1.98 -0.79 16.32
C LEU A 763 1.47 -0.05 15.09
N THR A 764 0.46 0.80 15.26
CA THR A 764 -0.05 1.60 14.15
C THR A 764 1.02 2.53 13.62
N TYR A 765 1.76 3.19 14.51
CA TYR A 765 2.86 4.07 14.08
C TYR A 765 3.94 3.31 13.32
N GLN A 766 4.34 2.15 13.82
CA GLN A 766 5.39 1.40 13.14
C GLN A 766 4.92 0.87 11.79
N LEU A 767 3.63 0.51 11.69
CA LEU A 767 3.07 0.10 10.41
C LEU A 767 3.00 1.27 9.44
N CYS A 768 2.72 2.48 9.94
CA CYS A 768 2.79 3.67 9.09
C CYS A 768 4.22 3.89 8.60
N HIS A 769 5.20 3.61 9.45
CA HIS A 769 6.59 3.71 9.05
C HIS A 769 7.04 2.59 8.12
N THR A 770 6.27 1.52 7.98
CA THR A 770 6.65 0.44 7.07
C THR A 770 6.26 0.68 5.62
N TYR A 771 5.63 1.80 5.29
CA TYR A 771 5.30 2.08 3.90
C TYR A 771 6.60 2.18 3.08
N VAL A 772 6.60 1.55 1.92
CA VAL A 772 7.84 1.17 1.27
C VAL A 772 8.09 1.93 -0.04
N ARG A 773 7.08 2.63 -0.56
CA ARG A 773 7.28 3.43 -1.78
C ARG A 773 8.05 4.71 -1.52
N CYS A 774 8.24 5.09 -0.26
CA CYS A 774 9.01 6.28 0.08
C CYS A 774 9.70 6.05 1.41
N THR A 775 10.74 6.84 1.67
CA THR A 775 11.39 6.85 2.98
C THR A 775 10.77 7.92 3.87
N ARG A 776 9.45 7.84 4.00
CA ARG A 776 8.69 8.76 4.81
C ARG A 776 7.66 7.97 5.61
N SER A 777 7.28 8.53 6.74
CA SER A 777 6.13 8.03 7.48
C SER A 777 4.87 8.66 6.92
N VAL A 778 3.88 7.83 6.59
CA VAL A 778 2.71 8.27 5.86
C VAL A 778 1.50 8.27 6.79
N SER A 779 0.36 8.72 6.26
CA SER A 779 -0.82 8.98 7.08
C SER A 779 -1.50 7.71 7.58
N ILE A 780 -1.34 6.58 6.88
CA ILE A 780 -2.04 5.36 7.24
C ILE A 780 -1.03 4.22 7.28
N PRO A 781 -1.34 3.14 8.00
CA PRO A 781 -0.45 1.96 7.97
C PRO A 781 -0.33 1.39 6.57
N ALA A 782 0.82 0.77 6.32
CA ALA A 782 1.11 0.20 5.01
C ALA A 782 0.05 -0.77 4.48
N PRO A 783 -0.56 -1.68 5.27
CA PRO A 783 -1.61 -2.54 4.70
C PRO A 783 -2.79 -1.78 4.11
N ALA A 784 -3.25 -0.70 4.73
CA ALA A 784 -4.36 0.06 4.17
C ALA A 784 -3.95 0.76 2.88
N TYR A 785 -2.75 1.33 2.85
CA TYR A 785 -2.23 1.96 1.63
C TYR A 785 -2.11 0.95 0.51
N TYR A 786 -1.64 -0.26 0.82
CA TYR A 786 -1.48 -1.29 -0.20
C TYR A 786 -2.84 -1.77 -0.70
N ALA A 787 -3.84 -1.83 0.18
CA ALA A 787 -5.19 -2.17 -0.26
C ALA A 787 -5.73 -1.12 -1.22
N HIS A 788 -5.49 0.16 -0.92
CA HIS A 788 -5.89 1.23 -1.83
C HIS A 788 -5.18 1.10 -3.17
N LEU A 789 -3.88 0.80 -3.16
CA LEU A 789 -3.12 0.68 -4.40
C LEU A 789 -3.61 -0.50 -5.23
N VAL A 790 -3.93 -1.62 -4.58
CA VAL A 790 -4.43 -2.78 -5.32
C VAL A 790 -5.80 -2.48 -5.91
N ALA A 791 -6.66 -1.76 -5.18
CA ALA A 791 -7.96 -1.40 -5.72
C ALA A 791 -7.81 -0.48 -6.94
N PHE A 792 -6.90 0.49 -6.87
CA PHE A 792 -6.68 1.38 -8.01
C PHE A 792 -6.10 0.64 -9.21
N ARG A 793 -5.15 -0.28 -8.97
CA ARG A 793 -4.58 -1.06 -10.06
C ARG A 793 -5.62 -1.97 -10.69
N ALA A 794 -6.52 -2.52 -9.87
CA ALA A 794 -7.61 -3.33 -10.41
C ALA A 794 -8.57 -2.48 -11.23
N ARG A 795 -8.78 -1.23 -10.81
CA ARG A 795 -9.62 -0.34 -11.60
C ARG A 795 -8.96 -0.01 -12.94
N TYR A 796 -7.63 0.11 -12.95
CA TYR A 796 -6.92 0.28 -14.22
C TYR A 796 -7.08 -0.94 -15.11
N HIS A 797 -7.02 -2.14 -14.52
CA HIS A 797 -7.26 -3.37 -15.28
C HIS A 797 -8.66 -3.39 -15.86
N LEU A 798 -9.65 -3.00 -15.05
CA LEU A 798 -11.04 -2.99 -15.51
C LEU A 798 -11.25 -1.97 -16.62
N VAL A 799 -10.60 -0.80 -16.50
CA VAL A 799 -10.73 0.24 -17.51
C VAL A 799 -10.12 -0.22 -18.82
N ASP A 800 -8.90 -0.77 -18.77
CA ASP A 800 -8.25 -1.13 -20.02
C ASP A 800 -8.66 -2.50 -20.53
N LYS A 801 -9.53 -3.22 -19.81
CA LYS A 801 -10.24 -4.32 -20.45
C LYS A 801 -11.06 -3.80 -21.62
N GLU A 802 -11.72 -2.66 -21.42
CA GLU A 802 -12.47 -1.98 -22.49
C GLU A 802 -11.60 -0.91 -23.15
N HIS A 803 -10.60 -1.35 -23.89
CA HIS A 803 -9.74 -0.45 -24.65
C HIS A 803 -9.88 -0.62 -26.15
N ASP A 804 -10.10 -1.85 -26.64
CA ASP A 804 -10.49 -2.03 -28.03
C ASP A 804 -11.92 -1.58 -28.24
N SER A 805 -12.82 -1.98 -27.34
CA SER A 805 -14.18 -1.46 -27.28
C SER A 805 -14.23 -0.48 -26.11
N ALA A 806 -13.81 0.76 -26.38
CA ALA A 806 -13.64 1.75 -25.33
C ALA A 806 -14.97 2.11 -24.66
N GLU A 807 -16.01 2.35 -25.47
CA GLU A 807 -17.31 2.71 -24.94
C GLU A 807 -18.41 1.71 -25.28
N GLY A 808 -18.16 0.78 -26.20
CA GLY A 808 -19.16 -0.19 -26.58
C GLY A 808 -20.15 0.36 -27.60
N SER A 809 -21.05 1.23 -27.13
CA SER A 809 -22.05 1.90 -27.96
C SER A 809 -22.92 0.88 -28.72
N HIS A 810 -23.59 0.04 -27.95
CA HIS A 810 -24.46 -0.98 -28.52
C HIS A 810 -25.54 -1.33 -27.51
N THR A 811 -26.62 -1.95 -28.00
CA THR A 811 -27.71 -2.35 -27.13
C THR A 811 -27.35 -3.63 -26.38
N SER A 812 -27.14 -4.72 -27.12
CA SER A 812 -26.79 -5.98 -26.48
C SER A 812 -25.34 -5.97 -26.01
N GLY A 813 -24.50 -5.14 -26.64
CA GLY A 813 -23.11 -5.02 -26.22
C GLY A 813 -22.95 -4.34 -24.87
N GLN A 814 -23.94 -3.55 -24.46
CA GLN A 814 -23.93 -2.91 -23.15
C GLN A 814 -24.89 -3.55 -22.16
N SER A 815 -25.90 -4.27 -22.65
CA SER A 815 -26.85 -4.92 -21.75
C SER A 815 -26.21 -6.09 -21.02
N ASN A 816 -25.50 -6.96 -21.75
CA ASN A 816 -24.87 -8.14 -21.17
C ASN A 816 -23.47 -8.33 -21.75
N GLY A 817 -22.74 -7.24 -21.95
CA GLY A 817 -21.40 -7.33 -22.50
C GLY A 817 -20.32 -7.22 -21.45
N ARG A 818 -20.72 -6.95 -20.20
CA ARG A 818 -19.79 -6.79 -19.09
C ARG A 818 -20.32 -7.55 -17.88
N ASP A 819 -20.63 -8.84 -18.08
CA ASP A 819 -21.13 -9.67 -17.00
C ASP A 819 -20.06 -9.88 -15.94
N HIS A 820 -20.51 -10.22 -14.72
CA HIS A 820 -19.66 -10.18 -13.55
C HIS A 820 -18.48 -11.16 -13.66
N GLN A 821 -18.66 -12.27 -14.37
CA GLN A 821 -17.60 -13.26 -14.53
C GLN A 821 -16.41 -12.68 -15.30
N ALA A 822 -16.69 -11.95 -16.38
CA ALA A 822 -15.61 -11.42 -17.21
C ALA A 822 -14.78 -10.40 -16.45
N LEU A 823 -15.44 -9.52 -15.68
CA LEU A 823 -14.69 -8.56 -14.88
C LEU A 823 -13.95 -9.24 -13.74
N ALA A 824 -14.53 -10.32 -13.20
CA ALA A 824 -13.85 -11.08 -12.15
C ALA A 824 -12.54 -11.67 -12.68
N LYS A 825 -12.57 -12.21 -13.90
CA LYS A 825 -11.32 -12.65 -14.52
C LYS A 825 -10.43 -11.48 -14.91
N ALA A 826 -11.01 -10.30 -15.14
CA ALA A 826 -10.22 -9.14 -15.53
C ALA A 826 -9.36 -8.64 -14.37
N VAL A 827 -9.92 -8.57 -13.17
CA VAL A 827 -9.14 -8.07 -12.04
C VAL A 827 -8.15 -9.10 -11.52
N GLN A 828 -8.31 -10.37 -11.87
CA GLN A 828 -7.41 -11.40 -11.37
C GLN A 828 -6.06 -11.29 -12.08
N VAL A 829 -5.02 -11.09 -11.29
CA VAL A 829 -3.68 -10.89 -11.82
C VAL A 829 -3.03 -12.24 -12.09
N HIS A 830 -1.92 -12.20 -12.82
CA HIS A 830 -1.22 -13.41 -13.24
C HIS A 830 -0.62 -14.14 -12.03
N GLN A 831 -0.28 -15.40 -12.24
CA GLN A 831 0.29 -16.21 -11.17
C GLN A 831 1.65 -15.66 -10.73
N ASP A 832 2.49 -15.27 -11.69
CA ASP A 832 3.78 -14.69 -11.35
C ASP A 832 3.63 -13.30 -10.72
N THR A 833 2.50 -12.63 -10.95
CA THR A 833 2.22 -11.33 -10.37
C THR A 833 1.59 -11.42 -8.99
N LEU A 834 0.85 -12.51 -8.72
CA LEU A 834 0.06 -12.63 -7.50
C LEU A 834 0.92 -12.59 -6.24
N ARG A 835 2.09 -13.24 -6.26
CA ARG A 835 2.93 -13.32 -5.09
C ARG A 835 3.87 -12.13 -4.93
N THR A 836 3.87 -11.19 -5.86
CA THR A 836 4.75 -10.03 -5.80
C THR A 836 3.98 -8.77 -5.43
N MET A 837 4.74 -7.71 -5.12
CA MET A 837 4.16 -6.40 -4.83
C MET A 837 4.12 -5.56 -6.10
N TYR A 838 3.27 -6.01 -7.04
CA TYR A 838 3.07 -5.30 -8.30
C TYR A 838 2.44 -3.94 -8.08
N PHE A 839 1.67 -3.78 -7.00
CA PHE A 839 0.91 -2.58 -6.71
C PHE A 839 1.77 -1.44 -6.19
N ALA A 840 3.02 -1.71 -5.83
CA ALA A 840 3.91 -0.65 -5.35
C ALA A 840 4.82 -0.16 -6.46
MG MG D . -9.40 4.02 -2.17
#